data_2FGV
#
_entry.id   2FGV
#
_cell.length_a   50.52
_cell.length_b   58.18
_cell.length_c   61.52
_cell.angle_alpha   90.00
_cell.angle_beta   90.00
_cell.angle_gamma   90.00
#
_symmetry.space_group_name_H-M   'P 21 21 21'
#
loop_
_entity.id
_entity.type
_entity.pdbx_description
1 polymer Protease
2 non-polymer 'PHOSPHATE ION'
3 non-polymer 'quinoline-2-carboxylic acid'
4 non-polymer ASPARAGINE
5 non-polymer (2S)-2-amino-3-phenylpropane-1,1-diol
6 non-polymer '2-METHYL-DECAHYDRO-ISOQUINOLINE-3-CARBOXYLIC ACID'
7 non-polymer TERTIARY-BUTYLAMINE
8 water water
#
_entity_poly.entity_id   1
_entity_poly.type   'polypeptide(L)'
_entity_poly.pdbx_seq_one_letter_code
;PQITLWKRPLVTIRIGGQLKEALLDTGADDTVLEEMNLPGKWKPKMIGGIGGFIKVRQYDQIPVEICGHKAIGTVLVGPN
PVNIIGRNLLTQIGCTLNF
;
_entity_poly.pdbx_strand_id   A,B
#
loop_
_chem_comp.id
_chem_comp.type
_chem_comp.name
_chem_comp.formula
DIQ non-polymer '2-METHYL-DECAHYDRO-ISOQUINOLINE-3-CARBOXYLIC ACID' 'C11 H19 N O2'
HPH peptide-like (2S)-2-amino-3-phenylpropane-1,1-diol 'C9 H13 N O2'
NTB non-polymer TERTIARY-BUTYLAMINE 'C4 H11 N'
PO4 non-polymer 'PHOSPHATE ION' 'O4 P -3'
QNC non-polymer 'quinoline-2-carboxylic acid' 'C10 H7 N O2'
#
# COMPACT_ATOMS: atom_id res chain seq x y z
N PRO A 1 10.89 -6.54 14.47
CA PRO A 1 10.99 -7.74 13.65
C PRO A 1 11.17 -7.43 12.18
N GLN A 2 11.40 -8.47 11.39
CA GLN A 2 11.38 -8.39 9.93
C GLN A 2 10.11 -9.07 9.46
N ILE A 3 9.34 -8.37 8.62
CA ILE A 3 8.09 -8.89 8.08
C ILE A 3 8.30 -9.09 6.58
N THR A 4 8.22 -10.33 6.10
CA THR A 4 8.37 -10.58 4.67
C THR A 4 7.02 -10.32 4.00
N LEU A 5 7.02 -10.39 2.68
CA LEU A 5 5.85 -9.99 1.90
C LEU A 5 5.28 -11.14 1.07
N TRP A 6 5.63 -12.37 1.41
CA TRP A 6 5.06 -13.57 0.79
C TRP A 6 3.55 -13.64 0.98
N LYS A 7 3.09 -13.22 2.15
CA LYS A 7 1.68 -13.05 2.43
C LYS A 7 1.44 -11.58 2.81
N ARG A 8 0.18 -11.20 2.91
N ARG A 8 0.18 -11.18 2.88
CA ARG A 8 -0.15 -9.85 3.34
CA ARG A 8 -0.17 -9.86 3.36
C ARG A 8 0.47 -9.62 4.72
C ARG A 8 0.50 -9.65 4.72
N PRO A 9 1.17 -8.50 4.91
CA PRO A 9 1.80 -8.19 6.20
C PRO A 9 0.79 -7.76 7.26
N LEU A 10 0.03 -8.74 7.72
CA LEU A 10 -0.99 -8.54 8.75
C LEU A 10 -0.36 -8.77 10.11
N VAL A 11 -0.55 -7.80 11.02
CA VAL A 11 -0.01 -7.89 12.36
C VAL A 11 -1.10 -7.48 13.35
N THR A 12 -0.83 -7.68 14.64
CA THR A 12 -1.75 -7.33 15.69
C THR A 12 -1.49 -5.90 16.13
N ILE A 13 -2.57 -5.14 16.29
CA ILE A 13 -2.49 -3.79 16.84
C ILE A 13 -3.37 -3.72 18.06
N ARG A 14 -3.12 -2.73 18.91
CA ARG A 14 -3.99 -2.43 20.03
C ARG A 14 -4.51 -1.00 19.91
N ILE A 15 -5.84 -0.88 19.94
CA ILE A 15 -6.50 0.41 19.88
C ILE A 15 -7.69 0.35 20.83
N GLY A 16 -7.83 1.37 21.66
CA GLY A 16 -8.80 1.32 22.75
C GLY A 16 -8.61 0.16 23.72
N GLY A 17 -7.38 -0.32 23.84
CA GLY A 17 -7.08 -1.47 24.70
C GLY A 17 -7.43 -2.83 24.12
N GLN A 18 -8.02 -2.85 22.93
CA GLN A 18 -8.46 -4.08 22.30
C GLN A 18 -7.57 -4.43 21.12
N LEU A 19 -7.48 -5.73 20.84
CA LEU A 19 -6.61 -6.21 19.78
C LEU A 19 -7.35 -6.39 18.46
N LYS A 20 -6.69 -5.96 17.38
CA LYS A 20 -7.21 -6.08 16.03
C LYS A 20 -6.09 -6.53 15.10
N GLU A 21 -6.46 -7.03 13.94
CA GLU A 21 -5.50 -7.37 12.90
C GLU A 21 -5.43 -6.23 11.89
N ALA A 22 -4.23 -5.84 11.47
CA ALA A 22 -4.09 -4.72 10.55
C ALA A 22 -2.92 -4.92 9.57
N LEU A 23 -3.07 -4.28 8.42
CA LEU A 23 -2.14 -4.45 7.31
C LEU A 23 -1.09 -3.35 7.37
N LEU A 24 0.19 -3.70 7.45
CA LEU A 24 1.24 -2.69 7.39
C LEU A 24 1.36 -2.24 5.94
N ASP A 25 1.09 -0.96 5.68
CA ASP A 25 0.75 -0.50 4.33
C ASP A 25 1.59 0.71 3.93
N THR A 26 2.74 0.48 3.30
CA THR A 26 3.62 1.59 2.95
C THR A 26 3.05 2.49 1.85
N GLY A 27 2.07 1.99 1.11
CA GLY A 27 1.40 2.78 0.08
C GLY A 27 0.22 3.59 0.58
N ALA A 28 -0.03 3.58 1.88
CA ALA A 28 -1.10 4.39 2.46
C ALA A 28 -0.54 5.59 3.20
N ASP A 29 -0.97 6.78 2.82
CA ASP A 29 -0.60 7.99 3.54
C ASP A 29 -1.17 7.97 4.95
N ASP A 30 -2.38 7.43 5.07
CA ASP A 30 -3.19 7.52 6.28
C ASP A 30 -3.43 6.13 6.87
N THR A 31 -3.88 6.11 8.11
CA THR A 31 -4.27 4.89 8.78
C THR A 31 -5.80 4.82 8.74
N VAL A 32 -6.33 3.75 8.16
CA VAL A 32 -7.76 3.64 7.92
C VAL A 32 -8.27 2.33 8.52
N LEU A 33 -9.20 2.45 9.45
CA LEU A 33 -9.71 1.31 10.20
C LEU A 33 -11.10 0.92 9.73
N GLU A 34 -11.41 -0.36 9.91
CA GLU A 34 -12.78 -0.85 9.77
C GLU A 34 -13.71 -0.12 10.73
N GLU A 35 -14.99 -0.12 10.41
CA GLU A 35 -15.98 0.57 11.24
C GLU A 35 -15.81 0.20 12.71
N MET A 36 -15.69 1.22 13.55
CA MET A 36 -15.67 1.08 15.00
C MET A 36 -16.09 2.41 15.63
N ASN A 37 -16.87 2.34 16.72
CA ASN A 37 -17.49 3.54 17.26
C ASN A 37 -16.66 4.15 18.39
N LEU A 38 -15.51 4.71 18.03
CA LEU A 38 -14.63 5.35 18.99
C LEU A 38 -15.33 6.56 19.61
N PRO A 39 -15.12 6.79 20.92
CA PRO A 39 -15.67 7.98 21.55
C PRO A 39 -15.03 9.27 21.09
N GLY A 40 -15.75 10.37 21.26
CA GLY A 40 -15.16 11.70 21.11
C GLY A 40 -15.48 12.33 19.77
N LYS A 41 -14.91 13.50 19.55
CA LYS A 41 -15.19 14.26 18.34
C LYS A 41 -14.45 13.66 17.16
N TRP A 42 -15.04 13.83 15.99
CA TRP A 42 -14.41 13.43 14.74
C TRP A 42 -14.81 14.44 13.67
N LYS A 43 -14.09 14.44 12.56
CA LYS A 43 -14.41 15.29 11.41
C LYS A 43 -14.58 14.43 10.17
N PRO A 44 -15.54 14.80 9.30
CA PRO A 44 -15.59 14.13 8.01
C PRO A 44 -14.37 14.41 7.15
N LYS A 45 -13.96 13.39 6.40
CA LYS A 45 -12.85 13.51 5.47
C LYS A 45 -13.17 12.61 4.29
N MET A 46 -12.65 12.98 3.12
N MET A 46 -12.64 12.94 3.12
CA MET A 46 -12.66 12.13 1.94
CA MET A 46 -12.72 12.03 2.00
C MET A 46 -11.25 11.61 1.67
C MET A 46 -11.32 11.61 1.56
N ILE A 47 -11.12 10.31 1.45
CA ILE A 47 -9.84 9.73 1.06
C ILE A 47 -10.05 8.83 -0.15
N GLY A 48 -8.99 8.68 -0.94
CA GLY A 48 -9.12 7.95 -2.17
C GLY A 48 -8.01 6.94 -2.35
N GLY A 49 -8.26 6.04 -3.30
CA GLY A 49 -7.26 5.09 -3.72
C GLY A 49 -7.81 4.50 -5.00
N ILE A 50 -7.46 3.25 -5.29
N ILE A 50 -7.45 3.25 -5.29
CA ILE A 50 -7.97 2.67 -6.52
CA ILE A 50 -7.99 2.56 -6.45
C ILE A 50 -9.47 2.50 -6.29
C ILE A 50 -9.50 2.47 -6.27
N GLY A 51 -10.25 2.79 -7.31
CA GLY A 51 -11.71 2.69 -7.25
C GLY A 51 -12.43 3.96 -6.86
N GLY A 52 -11.72 4.97 -6.38
CA GLY A 52 -12.31 6.26 -6.08
C GLY A 52 -12.18 6.71 -4.64
N PHE A 53 -13.06 7.64 -4.25
CA PHE A 53 -13.03 8.23 -2.92
C PHE A 53 -14.14 7.66 -2.04
N ILE A 54 -13.85 7.60 -0.74
CA ILE A 54 -14.81 7.20 0.26
C ILE A 54 -14.84 8.24 1.38
N LYS A 55 -15.97 8.29 2.06
CA LYS A 55 -16.16 9.15 3.23
C LYS A 55 -15.73 8.40 4.48
N VAL A 56 -14.93 9.06 5.30
CA VAL A 56 -14.44 8.47 6.53
C VAL A 56 -14.54 9.46 7.68
N ARG A 57 -14.46 8.93 8.90
CA ARG A 57 -14.50 9.75 10.09
C ARG A 57 -13.09 9.87 10.64
N GLN A 58 -12.64 11.10 10.84
CA GLN A 58 -11.27 11.37 11.29
C GLN A 58 -11.24 11.60 12.80
N TYR A 59 -10.47 10.76 13.50
CA TYR A 59 -10.25 10.88 14.95
C TYR A 59 -8.77 11.19 15.15
N ASP A 60 -8.48 12.20 15.96
CA ASP A 60 -7.10 12.62 16.20
C ASP A 60 -6.51 12.10 17.52
N GLN A 61 -5.18 11.98 17.53
CA GLN A 61 -4.43 11.62 18.73
C GLN A 61 -4.97 10.37 19.44
N ILE A 62 -5.15 9.33 18.64
CA ILE A 62 -5.57 8.02 19.14
C ILE A 62 -4.35 7.12 19.31
N PRO A 63 -4.11 6.59 20.52
CA PRO A 63 -3.04 5.62 20.67
C PRO A 63 -3.28 4.34 19.87
N VAL A 64 -2.27 3.93 19.11
CA VAL A 64 -2.28 2.66 18.41
C VAL A 64 -0.95 1.95 18.62
N GLU A 65 -1.00 0.75 19.20
CA GLU A 65 0.22 -0.02 19.43
C GLU A 65 0.31 -1.08 18.34
N ILE A 66 1.48 -1.15 17.70
CA ILE A 66 1.65 -2.00 16.52
C ILE A 66 2.74 -3.00 16.87
N CYS A 67 2.36 -4.27 17.00
CA CYS A 67 3.30 -5.29 17.46
C CYS A 67 4.10 -4.86 18.67
N GLY A 68 3.43 -4.25 19.64
CA GLY A 68 4.10 -3.85 20.87
C GLY A 68 4.87 -2.55 20.77
N HIS A 69 4.85 -1.91 19.60
CA HIS A 69 5.52 -0.62 19.41
C HIS A 69 4.45 0.48 19.43
N LYS A 70 4.58 1.42 20.37
CA LYS A 70 3.52 2.40 20.60
C LYS A 70 3.59 3.56 19.63
N ALA A 71 2.43 3.95 19.12
CA ALA A 71 2.28 5.11 18.28
C ALA A 71 1.04 5.88 18.74
N ILE A 72 0.89 7.09 18.23
CA ILE A 72 -0.30 7.87 18.55
C ILE A 72 -0.50 8.85 17.42
N GLY A 73 -1.72 8.90 16.88
CA GLY A 73 -1.97 9.81 15.78
C GLY A 73 -3.38 9.71 15.24
N THR A 74 -3.55 10.23 14.03
CA THR A 74 -4.85 10.28 13.41
C THR A 74 -5.25 8.92 12.85
N VAL A 75 -6.49 8.52 13.12
CA VAL A 75 -7.03 7.31 12.52
C VAL A 75 -8.33 7.67 11.84
N LEU A 76 -8.55 7.07 10.67
CA LEU A 76 -9.74 7.31 9.88
C LEU A 76 -10.58 6.04 9.93
N VAL A 77 -11.88 6.17 10.13
CA VAL A 77 -12.76 5.01 10.23
C VAL A 77 -13.69 4.97 9.03
N GLY A 78 -13.72 3.83 8.35
CA GLY A 78 -14.40 3.72 7.07
C GLY A 78 -15.04 2.37 6.87
N PRO A 79 -15.57 2.11 5.67
CA PRO A 79 -16.29 0.89 5.34
C PRO A 79 -15.40 -0.21 4.75
N ASN A 80 -14.09 -0.04 4.88
CA ASN A 80 -13.13 -0.96 4.28
C ASN A 80 -13.09 -2.32 4.97
N PRO A 81 -12.71 -3.38 4.24
CA PRO A 81 -12.72 -4.72 4.78
C PRO A 81 -11.54 -5.05 5.71
N VAL A 82 -10.49 -4.25 5.64
CA VAL A 82 -9.26 -4.51 6.40
C VAL A 82 -8.79 -3.20 7.03
N ASN A 83 -8.22 -3.29 8.22
CA ASN A 83 -7.56 -2.17 8.85
C ASN A 83 -6.21 -1.99 8.17
N ILE A 84 -5.85 -0.75 7.84
CA ILE A 84 -4.54 -0.48 7.24
C ILE A 84 -3.77 0.53 8.08
N ILE A 85 -2.50 0.21 8.36
CA ILE A 85 -1.61 1.10 9.08
C ILE A 85 -0.75 1.79 8.04
N GLY A 86 -0.93 3.11 7.93
CA GLY A 86 -0.26 3.90 6.93
C GLY A 86 0.95 4.64 7.48
N ARG A 87 1.55 5.48 6.65
CA ARG A 87 2.85 6.03 6.98
C ARG A 87 2.82 6.94 8.21
N ASN A 88 1.69 7.54 8.51
CA ASN A 88 1.61 8.40 9.68
C ASN A 88 1.99 7.69 10.96
N LEU A 89 1.67 6.40 11.06
CA LEU A 89 2.06 5.59 12.21
C LEU A 89 3.28 4.72 11.97
N LEU A 90 3.48 4.27 10.73
CA LEU A 90 4.66 3.45 10.44
C LEU A 90 5.96 4.19 10.77
N THR A 91 5.98 5.49 10.51
CA THR A 91 7.16 6.31 10.82
C THR A 91 7.45 6.35 12.32
N GLN A 92 6.39 6.36 13.12
CA GLN A 92 6.54 6.46 14.57
C GLN A 92 7.16 5.22 15.20
N ILE A 93 7.00 4.07 14.54
CA ILE A 93 7.57 2.82 15.04
C ILE A 93 8.87 2.47 14.33
N GLY A 94 9.40 3.37 13.51
CA GLY A 94 10.72 3.19 12.94
C GLY A 94 10.78 2.18 11.82
N CYS A 95 9.66 2.03 11.11
CA CYS A 95 9.54 1.04 10.05
C CYS A 95 10.19 1.51 8.76
N THR A 96 10.99 0.64 8.15
CA THR A 96 11.63 0.89 6.88
C THR A 96 11.36 -0.25 5.91
N LEU A 97 11.51 0.06 4.62
CA LEU A 97 11.55 -0.95 3.57
C LEU A 97 13.01 -1.25 3.29
N ASN A 98 13.34 -2.53 3.11
CA ASN A 98 14.71 -2.92 2.89
C ASN A 98 14.82 -3.95 1.79
N PHE A 99 15.73 -3.71 0.84
CA PHE A 99 16.07 -4.72 -0.14
C PHE A 99 17.47 -4.48 -0.68
N PRO B 1 18.64 -0.92 -0.78
CA PRO B 1 18.59 0.25 0.10
C PRO B 1 17.70 0.04 1.31
N GLN B 2 17.77 1.00 2.24
CA GLN B 2 16.81 1.11 3.33
C GLN B 2 16.05 2.39 3.08
N ILE B 3 14.73 2.30 3.04
CA ILE B 3 13.88 3.43 2.69
C ILE B 3 12.96 3.73 3.86
N THR B 4 13.00 4.98 4.34
CA THR B 4 12.10 5.41 5.39
C THR B 4 10.78 5.88 4.79
N LEU B 5 9.84 6.24 5.66
CA LEU B 5 8.45 6.45 5.24
C LEU B 5 7.95 7.84 5.62
N TRP B 6 8.86 8.76 5.91
CA TRP B 6 8.50 10.15 6.15
C TRP B 6 7.90 10.78 4.89
N LYS B 7 8.36 10.31 3.73
CA LYS B 7 7.78 10.65 2.43
C LYS B 7 7.29 9.37 1.77
N ARG B 8 6.46 9.50 0.75
CA ARG B 8 6.01 8.34 0.00
C ARG B 8 7.22 7.60 -0.56
N PRO B 9 7.26 6.27 -0.42
CA PRO B 9 8.39 5.52 -0.96
C PRO B 9 8.34 5.36 -2.48
N LEU B 10 8.56 6.47 -3.17
CA LEU B 10 8.56 6.49 -4.62
C LEU B 10 9.98 6.23 -5.11
N VAL B 11 10.10 5.37 -6.12
CA VAL B 11 11.39 5.03 -6.72
C VAL B 11 11.24 5.01 -8.22
N THR B 12 12.36 5.04 -8.93
CA THR B 12 12.33 4.93 -10.38
C THR B 12 12.37 3.47 -10.80
N ILE B 13 11.50 3.12 -11.75
CA ILE B 13 11.48 1.80 -12.37
C ILE B 13 11.73 1.93 -13.87
N ARG B 14 12.13 0.83 -14.49
N ARG B 14 12.17 0.85 -14.51
CA ARG B 14 12.18 0.73 -15.95
CA ARG B 14 12.13 0.79 -15.97
C ARG B 14 11.24 -0.37 -16.42
C ARG B 14 11.27 -0.36 -16.45
N ILE B 15 10.41 -0.08 -17.41
CA ILE B 15 9.47 -1.06 -17.93
C ILE B 15 9.21 -0.75 -19.39
N GLY B 16 9.25 -1.76 -20.25
CA GLY B 16 9.12 -1.54 -21.68
C GLY B 16 10.09 -0.53 -22.29
N GLY B 17 11.26 -0.39 -21.68
CA GLY B 17 12.26 0.57 -22.12
C GLY B 17 12.12 1.97 -21.55
N GLN B 18 11.06 2.22 -20.78
CA GLN B 18 10.72 3.55 -20.28
C GLN B 18 10.91 3.67 -18.78
N LEU B 19 11.37 4.83 -18.33
CA LEU B 19 11.44 5.15 -16.90
C LEU B 19 10.13 5.71 -16.38
N LYS B 20 9.74 5.25 -15.19
CA LYS B 20 8.56 5.74 -14.50
C LYS B 20 8.85 5.85 -13.01
N GLU B 21 8.07 6.66 -12.31
CA GLU B 21 8.11 6.71 -10.86
C GLU B 21 7.02 5.81 -10.30
N ALA B 22 7.34 4.99 -9.32
CA ALA B 22 6.36 4.07 -8.75
C ALA B 22 6.51 3.96 -7.24
N LEU B 23 5.40 3.62 -6.60
CA LEU B 23 5.30 3.53 -5.15
C LEU B 23 5.53 2.10 -4.68
N LEU B 24 6.46 1.88 -3.75
CA LEU B 24 6.67 0.54 -3.19
C LEU B 24 5.63 0.32 -2.12
N ASP B 25 4.68 -0.57 -2.40
CA ASP B 25 3.47 -0.66 -1.59
C ASP B 25 3.25 -2.04 -0.99
N THR B 26 3.60 -2.20 0.29
CA THR B 26 3.40 -3.47 0.96
C THR B 26 1.93 -3.83 1.16
N GLY B 27 1.03 -2.86 1.08
CA GLY B 27 -0.40 -3.13 1.20
C GLY B 27 -1.04 -3.66 -0.07
N ALA B 28 -0.33 -3.57 -1.19
CA ALA B 28 -0.90 -3.95 -2.48
C ALA B 28 -0.51 -5.38 -2.83
N ASP B 29 -1.51 -6.23 -3.10
CA ASP B 29 -1.21 -7.60 -3.50
C ASP B 29 -0.58 -7.62 -4.88
N ASP B 30 -1.04 -6.69 -5.72
CA ASP B 30 -0.70 -6.65 -7.14
C ASP B 30 -0.01 -5.36 -7.53
N THR B 31 0.59 -5.38 -8.72
CA THR B 31 1.25 -4.21 -9.27
C THR B 31 0.31 -3.56 -10.28
N VAL B 32 0.02 -2.28 -10.06
CA VAL B 32 -0.93 -1.56 -10.89
C VAL B 32 -0.30 -0.27 -11.37
N LEU B 33 -0.13 -0.17 -12.69
CA LEU B 33 0.44 1.01 -13.32
C LEU B 33 -0.64 1.84 -14.00
N GLU B 34 -0.35 3.13 -14.13
CA GLU B 34 -1.21 4.04 -14.84
C GLU B 34 -1.33 3.58 -16.29
N GLU B 35 -2.38 4.04 -16.96
CA GLU B 35 -2.64 3.63 -18.33
C GLU B 35 -1.41 3.89 -19.20
N MET B 36 -1.04 2.88 -19.98
CA MET B 36 0.17 2.90 -20.79
C MET B 36 0.08 1.74 -21.78
N ASN B 37 0.93 1.77 -22.79
CA ASN B 37 1.09 0.66 -23.69
C ASN B 37 2.19 -0.26 -23.20
N LEU B 38 1.95 -1.57 -23.27
CA LEU B 38 2.98 -2.55 -22.98
C LEU B 38 2.91 -3.61 -24.07
N PRO B 39 4.04 -4.22 -24.41
CA PRO B 39 3.96 -5.18 -25.51
C PRO B 39 3.28 -6.48 -25.10
N GLY B 40 2.64 -7.11 -26.07
CA GLY B 40 2.07 -8.44 -25.91
C GLY B 40 0.59 -8.44 -25.61
N LYS B 41 0.04 -9.63 -25.42
CA LYS B 41 -1.39 -9.81 -25.18
C LYS B 41 -1.72 -9.33 -23.77
N TRP B 42 -2.93 -8.83 -23.59
CA TRP B 42 -3.46 -8.60 -22.25
C TRP B 42 -4.87 -9.15 -22.13
N LYS B 43 -5.28 -9.38 -20.88
CA LYS B 43 -6.58 -9.94 -20.56
C LYS B 43 -7.32 -8.92 -19.72
N PRO B 44 -8.62 -8.69 -20.00
CA PRO B 44 -9.39 -7.82 -19.13
C PRO B 44 -9.58 -8.46 -17.76
N LYS B 45 -9.39 -7.67 -16.71
CA LYS B 45 -9.59 -8.14 -15.34
C LYS B 45 -10.14 -7.00 -14.50
N MET B 46 -10.57 -7.32 -13.30
CA MET B 46 -10.97 -6.29 -12.35
C MET B 46 -10.23 -6.47 -11.04
N ILE B 47 -9.90 -5.37 -10.39
CA ILE B 47 -9.29 -5.39 -9.07
C ILE B 47 -9.89 -4.32 -8.18
N GLY B 48 -9.85 -4.56 -6.87
CA GLY B 48 -10.50 -3.70 -5.90
C GLY B 48 -9.50 -3.04 -4.98
N GLY B 49 -9.76 -1.78 -4.63
CA GLY B 49 -8.99 -1.10 -3.59
C GLY B 49 -9.90 -0.33 -2.66
N ILE B 50 -9.37 0.73 -2.06
CA ILE B 50 -10.06 1.39 -0.96
C ILE B 50 -11.34 2.05 -1.44
N GLY B 51 -11.39 2.45 -2.71
CA GLY B 51 -12.57 3.13 -3.25
C GLY B 51 -13.58 2.26 -3.97
N GLY B 52 -13.24 1.00 -4.22
CA GLY B 52 -14.07 0.09 -5.01
C GLY B 52 -13.24 -0.61 -6.09
N PHE B 53 -13.88 -1.11 -7.13
CA PHE B 53 -13.20 -1.85 -8.19
C PHE B 53 -12.99 -1.02 -9.45
N ILE B 54 -11.96 -1.38 -10.20
CA ILE B 54 -11.71 -0.81 -11.51
C ILE B 54 -11.40 -1.93 -12.49
N LYS B 55 -11.56 -1.61 -13.77
CA LYS B 55 -11.14 -2.50 -14.84
C LYS B 55 -9.69 -2.23 -15.21
N VAL B 56 -8.93 -3.30 -15.36
CA VAL B 56 -7.53 -3.19 -15.73
C VAL B 56 -7.22 -4.12 -16.89
N ARG B 57 -6.06 -3.91 -17.49
CA ARG B 57 -5.50 -4.82 -18.48
C ARG B 57 -4.43 -5.63 -17.78
N GLN B 58 -4.50 -6.95 -17.85
CA GLN B 58 -3.52 -7.81 -17.20
C GLN B 58 -2.48 -8.25 -18.21
N TYR B 59 -1.23 -7.84 -18.00
CA TYR B 59 -0.10 -8.34 -18.77
C TYR B 59 0.72 -9.29 -17.92
N ASP B 60 1.05 -10.46 -18.47
CA ASP B 60 1.82 -11.48 -17.75
C ASP B 60 3.30 -11.44 -18.14
N GLN B 61 4.15 -11.86 -17.20
CA GLN B 61 5.59 -12.03 -17.42
C GLN B 61 6.27 -10.81 -18.06
N ILE B 62 6.03 -9.65 -17.44
CA ILE B 62 6.60 -8.38 -17.89
C ILE B 62 7.83 -8.09 -17.04
N PRO B 63 9.01 -7.92 -17.67
CA PRO B 63 10.17 -7.48 -16.92
C PRO B 63 10.06 -6.04 -16.39
N VAL B 64 10.34 -5.89 -15.10
CA VAL B 64 10.34 -4.58 -14.45
C VAL B 64 11.62 -4.49 -13.63
N GLU B 65 12.38 -3.41 -13.84
N GLU B 65 12.38 -3.41 -13.85
CA GLU B 65 13.60 -3.19 -13.07
CA GLU B 65 13.60 -3.14 -13.10
C GLU B 65 13.34 -2.09 -12.05
C GLU B 65 13.25 -2.11 -12.03
N ILE B 66 13.57 -2.41 -10.78
CA ILE B 66 13.19 -1.55 -9.66
C ILE B 66 14.45 -1.21 -8.88
N CYS B 67 14.91 0.03 -8.97
CA CYS B 67 16.19 0.43 -8.39
C CYS B 67 17.31 -0.55 -8.70
N GLY B 68 17.37 -1.00 -9.95
CA GLY B 68 18.44 -1.88 -10.39
C GLY B 68 18.23 -3.35 -10.12
N HIS B 69 17.17 -3.69 -9.37
CA HIS B 69 16.83 -5.08 -9.07
C HIS B 69 15.81 -5.58 -10.09
N LYS B 70 15.96 -6.81 -10.56
N LYS B 70 15.97 -6.82 -10.53
CA LYS B 70 15.10 -7.31 -11.63
CA LYS B 70 15.13 -7.39 -11.59
C LYS B 70 13.96 -8.17 -11.14
C LYS B 70 13.91 -8.12 -11.05
N ALA B 71 12.78 -7.91 -11.71
CA ALA B 71 11.57 -8.69 -11.46
C ALA B 71 10.97 -9.00 -12.82
N ILE B 72 10.26 -10.11 -12.92
CA ILE B 72 9.49 -10.44 -14.11
C ILE B 72 8.17 -11.02 -13.62
N GLY B 73 7.08 -10.29 -13.86
CA GLY B 73 5.81 -10.76 -13.35
C GLY B 73 4.61 -10.05 -13.92
N THR B 74 3.47 -10.27 -13.28
CA THR B 74 2.22 -9.71 -13.73
C THR B 74 2.13 -8.21 -13.43
N VAL B 75 1.76 -7.44 -14.44
CA VAL B 75 1.55 -6.01 -14.30
C VAL B 75 0.13 -5.72 -14.77
N LEU B 76 -0.62 -5.02 -13.94
CA LEU B 76 -1.96 -4.57 -14.29
C LEU B 76 -1.90 -3.10 -14.67
N VAL B 77 -2.67 -2.72 -15.68
CA VAL B 77 -2.66 -1.36 -16.22
C VAL B 77 -4.09 -0.82 -16.21
N GLY B 78 -4.30 0.34 -15.59
CA GLY B 78 -5.65 0.88 -15.45
C GLY B 78 -5.63 2.27 -14.85
N PRO B 79 -6.82 2.88 -14.68
CA PRO B 79 -6.91 4.24 -14.17
C PRO B 79 -6.46 4.37 -12.70
N ASN B 80 -5.46 5.23 -12.46
CA ASN B 80 -4.71 5.21 -11.20
C ASN B 80 -3.92 6.53 -11.13
N PRO B 81 -3.92 7.24 -9.99
CA PRO B 81 -3.09 8.44 -9.87
C PRO B 81 -1.59 8.23 -9.65
N VAL B 82 -1.21 7.00 -9.31
N VAL B 82 -1.23 7.01 -9.26
CA VAL B 82 0.15 6.65 -8.91
CA VAL B 82 0.16 6.67 -9.03
C VAL B 82 0.48 5.23 -9.37
C VAL B 82 0.42 5.31 -9.66
N ASN B 83 1.69 5.01 -9.86
CA ASN B 83 2.12 3.66 -10.23
C ASN B 83 2.43 2.94 -8.93
N ILE B 84 1.94 1.72 -8.78
N ILE B 84 1.92 1.72 -8.79
CA ILE B 84 2.09 0.97 -7.52
CA ILE B 84 2.05 0.94 -7.56
C ILE B 84 2.77 -0.37 -7.77
C ILE B 84 2.83 -0.34 -7.85
N ILE B 85 3.90 -0.59 -7.09
CA ILE B 85 4.60 -1.87 -7.13
C ILE B 85 4.11 -2.66 -5.92
N GLY B 86 3.42 -3.76 -6.16
CA GLY B 86 2.82 -4.56 -5.10
C GLY B 86 3.65 -5.78 -4.73
N ARG B 87 3.12 -6.59 -3.82
CA ARG B 87 3.89 -7.70 -3.27
C ARG B 87 4.36 -8.70 -4.32
N ASN B 88 3.60 -8.86 -5.40
CA ASN B 88 4.02 -9.85 -6.39
C ASN B 88 5.42 -9.56 -6.95
N LEU B 89 5.79 -8.28 -7.04
CA LEU B 89 7.14 -7.94 -7.50
C LEU B 89 8.06 -7.58 -6.33
N LEU B 90 7.52 -7.03 -5.25
CA LEU B 90 8.36 -6.73 -4.09
C LEU B 90 9.03 -7.99 -3.56
N THR B 91 8.31 -9.11 -3.57
CA THR B 91 8.90 -10.37 -3.12
C THR B 91 10.05 -10.79 -4.04
N GLN B 92 9.93 -10.51 -5.33
CA GLN B 92 10.97 -10.95 -6.26
C GLN B 92 12.29 -10.23 -6.03
N ILE B 93 12.22 -9.00 -5.54
CA ILE B 93 13.42 -8.22 -5.28
C ILE B 93 13.89 -8.32 -3.83
N GLY B 94 13.26 -9.19 -3.04
CA GLY B 94 13.71 -9.44 -1.67
C GLY B 94 13.38 -8.33 -0.69
N CYS B 95 12.29 -7.61 -0.95
CA CYS B 95 11.89 -6.49 -0.10
C CYS B 95 11.19 -6.99 1.17
N THR B 96 11.60 -6.46 2.32
CA THR B 96 10.95 -6.73 3.60
C THR B 96 10.65 -5.42 4.32
N LEU B 97 9.77 -5.51 5.31
CA LEU B 97 9.54 -4.44 6.27
C LEU B 97 10.29 -4.72 7.55
N ASN B 98 10.88 -3.69 8.14
CA ASN B 98 11.70 -3.87 9.32
C ASN B 98 11.45 -2.77 10.33
N PHE B 99 11.22 -3.15 11.58
CA PHE B 99 11.16 -2.19 12.69
C PHE B 99 11.53 -2.88 14.00
P PO4 C . -4.72 1.88 24.45
O1 PO4 C . -3.33 2.44 24.41
O2 PO4 C . -4.90 0.80 23.42
O3 PO4 C . -4.98 1.24 25.80
O4 PO4 C . -5.70 3.01 24.21
P PO4 D . -0.46 12.02 12.79
O1 PO4 D . 0.69 11.36 13.51
O2 PO4 D . -1.41 10.95 12.35
O3 PO4 D . -1.15 12.94 13.78
O4 PO4 D . 0.04 12.79 11.60
P PO4 E . 13.57 -7.78 16.64
O1 PO4 E . 14.19 -7.95 18.01
O2 PO4 E . 14.58 -8.06 15.56
O3 PO4 E . 12.41 -8.74 16.51
O4 PO4 E . 13.05 -6.36 16.51
P PO4 F . -2.25 -13.49 0.88
P PO4 F . -2.74 -13.51 2.33
O1 PO4 F . -1.75 -13.20 2.28
O1 PO4 F . -1.46 -12.77 2.03
O2 PO4 F . -1.14 -13.32 -0.13
O2 PO4 F . -3.11 -13.33 3.78
O3 PO4 F . -2.76 -14.90 0.80
O3 PO4 F . -3.85 -12.97 1.46
O4 PO4 F . -3.37 -12.54 0.54
O4 PO4 F . -2.55 -14.98 2.05
C QNC G . -3.15 7.03 -0.73
O QNC G . -2.17 6.97 -0.01
N1 QNC G . -4.37 8.13 -2.60
C2 QNC G . -3.26 8.05 -1.81
C3 QNC G . -2.19 8.92 -2.01
C4 QNC G . -2.28 9.89 -3.00
C5 QNC G . -3.50 10.93 -4.79
C6 QNC G . -4.62 11.01 -5.59
C7 QNC G . -5.67 10.12 -5.38
C8 QNC G . -5.59 9.15 -4.38
C4A QNC G . -3.42 9.96 -3.80
C8A QNC G . -4.46 9.06 -3.57
N ASN H . -4.03 6.09 -0.39
CA ASN H . -4.47 4.98 0.39
C ASN H . -4.62 3.74 -0.46
O ASN H . -5.71 3.42 -0.89
CB ASN H . -5.65 5.31 1.29
CG ASN H . -5.15 6.41 2.19
OD1 ASN H . -4.27 6.18 3.01
ND2 ASN H . -5.67 7.62 2.01
C HPH I . -2.87 0.66 -0.61
O HPH I . -1.59 0.75 -0.23
CA HPH I . -3.40 1.81 -1.41
N HPH I . -3.48 3.05 -0.65
CB HPH I . -2.49 1.97 -2.63
CG HPH I . -2.79 3.23 -3.42
CD1 HPH I . -3.84 3.24 -4.33
CD2 HPH I . -1.99 4.35 -3.24
CE1 HPH I . -4.11 4.39 -5.06
CE2 HPH I . -2.26 5.50 -3.97
CZ HPH I . -3.32 5.53 -4.88
N1 DIQ J . -4.62 -1.00 -0.65
CM DIQ J . -3.30 -0.57 -0.95
C2 DIQ J . -5.01 -2.10 -1.55
C DIQ J . -4.95 -1.72 -3.01
O DIQ J . -5.40 -0.65 -3.39
C3 DIQ J . -6.44 -2.57 -1.29
C3A DIQ J . -6.63 -3.07 0.14
C4 DIQ J . -8.08 -3.43 0.42
C5 DIQ J . -9.00 -2.23 0.61
C6 DIQ J . -8.42 -1.30 1.67
C7 DIQ J . -7.03 -0.84 1.23
C7A DIQ J . -6.08 -2.02 1.10
C8 DIQ J . -4.69 -1.51 0.72
N NTB K . -4.42 -2.66 -3.80
C NTB K . -4.28 -2.60 -5.24
C1 NTB K . -3.65 -3.91 -5.74
C2 NTB K . -5.65 -2.44 -5.89
C3 NTB K . -3.37 -1.42 -5.57
P PO4 L . 21.57 -5.95 -17.02
O1 PO4 L . 22.84 -5.76 -17.83
O2 PO4 L . 21.06 -7.36 -17.21
O3 PO4 L . 21.89 -5.75 -15.56
O4 PO4 L . 20.52 -4.95 -17.44
P PO4 M . -1.34 14.20 -4.30
O1 PO4 M . -0.46 15.30 -3.76
O2 PO4 M . -2.38 14.79 -5.22
O3 PO4 M . -0.52 13.21 -5.09
O4 PO4 M . -2.04 13.51 -3.15
P PO4 N . 21.70 -2.17 -4.15
O1 PO4 N . 22.36 -2.87 -2.99
O2 PO4 N . 20.21 -2.43 -4.11
O3 PO4 N . 21.95 -0.69 -4.05
O4 PO4 N . 22.27 -2.70 -5.46
#